data_1YPI
#
_entry.id   1YPI
#
_cell.length_a   61.150
_cell.length_b   98.550
_cell.length_c   49.260
_cell.angle_alpha   90.00
_cell.angle_beta   91.20
_cell.angle_gamma   90.00
#
_symmetry.space_group_name_H-M   'P 1 21 1'
#
loop_
_entity.id
_entity.type
_entity.pdbx_description
1 polymer 'TRIOSEPHOSPHATE ISOMERASE'
2 water water
#
_entity_poly.entity_id   1
_entity_poly.type   'polypeptide(L)'
_entity_poly.pdbx_seq_one_letter_code
;ARTFFVGGNFKLNGSKQSIKEIVERLNTASIPENVEVVICPPATYLDYSVSLVKKPQVTVGAQNAYLKASGAFTGENSVD
QIKDVGAKWVILGHSERRSYFHEDDKFIADKTKFALGQGVGVILCIGETLEEKKAGKTLDVVERQLNAVLEEVKDWTNVV
VAYEPVWAIGTGLAATPEDAQDIHASIRKFLASKLGDKAASELRILYGGSANGSNAVTFKDKADVDGFLVGGASLKPEFV
DIINSRN
;
_entity_poly.pdbx_strand_id   A,B
#
# COMPACT_ATOMS: atom_id res chain seq x y z
N ALA A 1 -2.29 -27.69 -22.93
CA ALA A 1 -3.51 -26.78 -22.89
C ALA A 1 -3.57 -26.17 -21.47
N ARG A 2 -2.70 -25.15 -21.44
CA ARG A 2 -2.57 -24.26 -20.30
C ARG A 2 -2.26 -22.93 -21.01
N THR A 3 -3.17 -21.95 -20.90
CA THR A 3 -2.97 -20.64 -21.63
C THR A 3 -1.72 -19.98 -21.11
N PHE A 4 -0.82 -19.70 -21.99
CA PHE A 4 0.47 -19.02 -21.63
C PHE A 4 0.18 -17.78 -20.82
N PHE A 5 0.75 -17.55 -19.66
CA PHE A 5 0.39 -16.34 -18.90
C PHE A 5 1.59 -15.50 -18.64
N VAL A 6 1.52 -14.21 -18.86
CA VAL A 6 2.64 -13.32 -18.70
C VAL A 6 2.23 -12.21 -17.72
N GLY A 7 2.97 -12.12 -16.60
CA GLY A 7 2.58 -11.06 -15.69
C GLY A 7 3.77 -10.10 -15.61
N GLY A 8 3.48 -8.91 -15.41
CA GLY A 8 4.43 -7.85 -15.34
C GLY A 8 4.28 -7.07 -14.01
N ASN A 9 5.20 -7.37 -13.12
CA ASN A 9 5.21 -6.73 -11.83
C ASN A 9 6.12 -5.49 -12.01
N PHE A 10 5.59 -4.33 -12.02
CA PHE A 10 6.34 -3.08 -12.17
C PHE A 10 7.10 -2.76 -10.89
N LYS A 11 6.63 -3.26 -9.81
CA LYS A 11 7.17 -3.04 -8.49
C LYS A 11 7.02 -1.61 -8.13
N LEU A 12 7.96 -0.89 -7.49
CA LEU A 12 7.77 0.53 -7.15
C LEU A 12 8.38 1.34 -8.28
N ASN A 13 7.68 1.27 -9.38
CA ASN A 13 8.10 1.86 -10.65
C ASN A 13 6.94 2.31 -11.48
N GLY A 14 7.19 3.39 -12.19
CA GLY A 14 6.22 4.05 -13.08
C GLY A 14 5.92 5.44 -12.75
N SER A 15 5.25 6.11 -13.81
CA SER A 15 4.79 7.55 -13.75
C SER A 15 3.62 7.56 -14.71
N LYS A 16 2.75 8.58 -14.70
CA LYS A 16 1.61 8.56 -15.69
C LYS A 16 2.19 8.47 -17.12
N GLN A 17 3.24 9.21 -17.32
CA GLN A 17 3.93 9.22 -18.61
C GLN A 17 4.49 7.99 -19.07
N SER A 18 5.27 7.32 -18.18
CA SER A 18 5.85 5.93 -18.53
C SER A 18 4.85 4.85 -18.63
N ILE A 19 3.85 4.85 -17.83
CA ILE A 19 2.82 3.81 -17.89
C ILE A 19 2.00 3.83 -19.17
N LYS A 20 1.65 5.15 -19.50
CA LYS A 20 0.96 5.47 -20.72
C LYS A 20 1.70 4.77 -21.82
N GLU A 21 2.96 5.04 -21.88
CA GLU A 21 3.87 4.51 -22.91
C GLU A 21 3.95 3.05 -22.95
N ILE A 22 4.10 2.44 -21.77
CA ILE A 22 4.07 1.02 -21.57
C ILE A 22 2.77 0.46 -22.10
N VAL A 23 1.66 1.00 -21.75
CA VAL A 23 0.37 0.49 -22.22
C VAL A 23 0.06 0.81 -23.64
N GLU A 24 0.58 1.95 -24.13
CA GLU A 24 0.21 2.32 -25.47
C GLU A 24 0.91 1.35 -26.43
N ARG A 25 2.06 0.90 -25.96
CA ARG A 25 2.96 0.00 -26.67
C ARG A 25 2.20 -1.31 -26.77
N LEU A 26 1.63 -1.81 -25.72
CA LEU A 26 0.72 -3.07 -25.91
C LEU A 26 -0.37 -2.34 -26.67
N ASN A 27 -1.51 -2.81 -26.92
CA ASN A 27 -2.54 -1.92 -27.63
C ASN A 27 -2.08 -1.95 -29.12
N THR A 28 -0.90 -1.56 -29.34
CA THR A 28 -0.15 -1.40 -30.57
C THR A 28 0.65 -2.52 -31.07
N ALA A 29 1.06 -3.45 -30.19
CA ALA A 29 1.89 -4.64 -30.60
C ALA A 29 1.06 -5.78 -31.17
N SER A 30 1.80 -6.63 -31.79
CA SER A 30 1.24 -7.94 -32.25
C SER A 30 1.53 -8.92 -31.08
N ILE A 31 0.48 -9.41 -30.49
CA ILE A 31 0.49 -10.31 -29.35
C ILE A 31 -0.58 -11.35 -29.74
N PRO A 32 -0.20 -12.61 -29.53
CA PRO A 32 -1.11 -13.75 -29.90
C PRO A 32 -2.48 -13.58 -29.36
N GLU A 33 -3.49 -14.22 -29.85
CA GLU A 33 -4.86 -14.00 -29.07
C GLU A 33 -4.89 -15.32 -28.56
N ASN A 34 -4.73 -15.51 -27.26
CA ASN A 34 -4.52 -16.89 -26.68
C ASN A 34 -3.36 -16.85 -25.67
N VAL A 35 -3.07 -15.67 -25.19
CA VAL A 35 -1.98 -15.43 -24.20
C VAL A 35 -2.81 -14.55 -23.20
N GLU A 36 -2.32 -14.67 -22.01
CA GLU A 36 -3.02 -13.95 -20.89
C GLU A 36 -1.97 -13.00 -20.29
N VAL A 37 -2.15 -11.69 -20.44
CA VAL A 37 -1.19 -10.74 -19.82
C VAL A 37 -1.89 -9.94 -18.75
N VAL A 38 -1.16 -9.76 -17.69
CA VAL A 38 -1.69 -8.93 -16.59
C VAL A 38 -0.58 -7.99 -16.18
N ILE A 39 -0.87 -6.72 -16.04
CA ILE A 39 0.28 -5.73 -15.73
C ILE A 39 -0.04 -5.30 -14.35
N CYS A 40 0.93 -5.14 -13.52
CA CYS A 40 0.60 -4.70 -12.15
C CYS A 40 1.47 -3.54 -11.74
N PRO A 41 0.95 -2.36 -11.87
CA PRO A 41 1.57 -1.06 -11.60
C PRO A 41 1.25 -0.71 -10.17
N PRO A 42 1.86 0.28 -9.64
CA PRO A 42 1.62 0.71 -8.28
C PRO A 42 0.14 0.98 -8.11
N ALA A 43 -0.44 0.99 -6.99
CA ALA A 43 -1.89 1.19 -6.75
C ALA A 43 -2.27 2.60 -7.26
N THR A 44 -1.27 3.48 -7.11
CA THR A 44 -1.38 4.87 -7.53
C THR A 44 -1.75 4.90 -9.02
N TYR A 45 -1.48 3.99 -9.87
CA TYR A 45 -1.80 4.05 -11.33
C TYR A 45 -2.76 3.05 -11.83
N LEU A 46 -3.54 2.41 -10.97
CA LEU A 46 -4.41 1.28 -11.31
C LEU A 46 -5.57 1.81 -12.20
N ASP A 47 -6.27 2.72 -11.67
CA ASP A 47 -7.44 3.46 -12.43
C ASP A 47 -6.89 3.86 -13.81
N TYR A 48 -5.93 4.66 -13.75
CA TYR A 48 -5.23 5.19 -14.98
C TYR A 48 -4.86 4.10 -15.91
N SER A 49 -4.18 2.99 -15.50
CA SER A 49 -3.79 1.93 -16.41
C SER A 49 -4.99 1.28 -17.08
N VAL A 50 -5.99 1.03 -16.31
CA VAL A 50 -7.24 0.49 -16.82
C VAL A 50 -7.80 1.26 -17.92
N SER A 51 -7.94 2.60 -17.68
CA SER A 51 -8.39 3.55 -18.71
C SER A 51 -7.84 3.27 -20.05
N LEU A 52 -6.52 3.14 -19.99
CA LEU A 52 -5.70 2.99 -21.17
C LEU A 52 -5.67 1.66 -21.89
N VAL A 53 -5.89 0.60 -21.34
CA VAL A 53 -5.77 -0.70 -22.03
C VAL A 53 -6.90 -0.84 -23.02
N LYS A 54 -6.57 -1.35 -24.16
CA LYS A 54 -7.50 -1.58 -25.28
C LYS A 54 -7.39 -3.03 -25.86
N LYS A 55 -6.49 -3.91 -25.47
CA LYS A 55 -6.39 -5.24 -26.03
C LYS A 55 -7.06 -6.26 -25.02
N PRO A 56 -7.91 -7.07 -25.62
CA PRO A 56 -8.63 -8.09 -24.94
C PRO A 56 -7.72 -9.03 -24.12
N GLN A 57 -6.48 -9.12 -24.54
CA GLN A 57 -5.57 -10.03 -23.85
C GLN A 57 -4.97 -9.57 -22.52
N VAL A 58 -5.10 -8.31 -22.23
CA VAL A 58 -4.47 -7.72 -21.06
C VAL A 58 -5.43 -7.13 -20.11
N THR A 59 -5.05 -7.34 -18.88
CA THR A 59 -5.69 -6.89 -17.62
C THR A 59 -4.59 -6.33 -16.72
N VAL A 60 -5.08 -5.77 -15.67
CA VAL A 60 -4.21 -5.14 -14.66
C VAL A 60 -4.48 -5.72 -13.36
N GLY A 61 -3.54 -5.74 -12.43
CA GLY A 61 -3.73 -6.26 -11.08
C GLY A 61 -2.92 -5.37 -10.19
N ALA A 62 -3.17 -5.59 -8.91
CA ALA A 62 -2.55 -4.83 -7.84
C ALA A 62 -1.37 -5.78 -7.41
N GLN A 63 -0.42 -5.19 -6.78
CA GLN A 63 0.75 -5.84 -6.27
C GLN A 63 0.58 -6.26 -4.76
N ASN A 64 -0.48 -6.03 -4.16
CA ASN A 64 -0.79 -6.40 -2.74
C ASN A 64 -2.13 -5.97 -2.35
N ALA A 65 -2.76 -6.43 -1.38
CA ALA A 65 -4.05 -6.10 -0.78
C ALA A 65 -4.21 -6.68 0.65
N TYR A 66 -5.15 -6.23 1.40
CA TYR A 66 -5.27 -6.71 2.80
C TYR A 66 -6.34 -7.83 2.65
N LEU A 67 -6.57 -8.38 3.79
CA LEU A 67 -7.49 -9.50 3.98
C LEU A 67 -8.86 -9.13 4.47
N LYS A 68 -9.20 -7.85 4.46
CA LYS A 68 -10.51 -7.23 4.77
C LYS A 68 -10.84 -6.36 3.63
N ALA A 69 -12.02 -6.09 3.25
CA ALA A 69 -12.50 -5.16 2.20
C ALA A 69 -12.50 -3.70 2.61
N SER A 70 -12.85 -3.45 3.88
CA SER A 70 -12.95 -2.12 4.44
C SER A 70 -12.72 -1.97 5.88
N GLY A 71 -12.59 -0.78 6.39
CA GLY A 71 -12.43 -0.62 7.83
C GLY A 71 -11.27 0.24 8.14
N ALA A 72 -10.91 0.16 9.38
CA ALA A 72 -9.82 0.96 9.94
C ALA A 72 -8.51 0.40 9.70
N PHE A 73 -8.01 0.30 8.46
CA PHE A 73 -6.74 -0.24 8.08
C PHE A 73 -5.94 0.75 7.20
N THR A 74 -5.53 1.83 7.86
CA THR A 74 -4.79 2.94 7.15
C THR A 74 -3.59 2.43 6.47
N GLY A 75 -3.55 2.71 5.14
CA GLY A 75 -2.45 2.49 4.19
C GLY A 75 -2.51 1.25 3.41
N GLU A 76 -3.59 0.39 3.65
CA GLU A 76 -3.64 -0.76 2.82
C GLU A 76 -4.41 -0.58 1.60
N ASN A 77 -4.49 -1.45 0.66
CA ASN A 77 -5.19 -1.48 -0.56
C ASN A 77 -6.34 -2.50 -0.38
N SER A 78 -7.47 -2.30 -0.86
CA SER A 78 -8.62 -3.27 -0.62
C SER A 78 -8.99 -3.96 -1.94
N VAL A 79 -9.54 -5.20 -1.80
CA VAL A 79 -9.79 -5.86 -3.12
C VAL A 79 -11.03 -5.17 -3.73
N ASP A 80 -11.83 -4.60 -3.00
CA ASP A 80 -13.08 -3.88 -3.43
C ASP A 80 -12.76 -2.69 -4.33
N GLN A 81 -11.71 -2.00 -3.93
CA GLN A 81 -11.20 -0.75 -4.59
C GLN A 81 -10.49 -1.20 -5.85
N ILE A 82 -9.81 -2.24 -5.86
CA ILE A 82 -9.12 -2.84 -6.97
C ILE A 82 -10.15 -3.37 -8.00
N LYS A 83 -11.33 -3.80 -7.67
CA LYS A 83 -12.28 -4.28 -8.65
C LYS A 83 -13.05 -3.01 -9.17
N ASP A 84 -13.17 -2.06 -8.30
CA ASP A 84 -13.94 -0.82 -8.51
C ASP A 84 -13.37 -0.07 -9.73
N VAL A 85 -12.08 -0.17 -9.81
CA VAL A 85 -11.44 0.62 -10.98
C VAL A 85 -11.19 -0.40 -11.97
N GLY A 86 -11.67 -1.61 -11.97
CA GLY A 86 -11.48 -2.57 -13.04
C GLY A 86 -10.31 -3.49 -13.10
N ALA A 87 -9.59 -3.55 -12.01
CA ALA A 87 -8.46 -4.40 -11.97
C ALA A 87 -9.04 -5.79 -11.67
N LYS A 88 -8.44 -6.86 -12.09
CA LYS A 88 -8.95 -8.22 -11.93
C LYS A 88 -8.04 -9.21 -11.18
N TRP A 89 -6.85 -8.92 -10.86
CA TRP A 89 -5.80 -9.63 -10.24
C TRP A 89 -5.13 -8.93 -9.09
N VAL A 90 -4.53 -9.85 -8.22
CA VAL A 90 -3.85 -9.41 -7.09
C VAL A 90 -2.59 -10.34 -6.98
N ILE A 91 -1.50 -9.67 -6.62
CA ILE A 91 -0.29 -10.57 -6.47
C ILE A 91 -0.15 -10.64 -4.99
N LEU A 92 -0.05 -11.85 -4.51
CA LEU A 92 0.09 -12.16 -3.05
C LEU A 92 1.27 -13.04 -2.69
N GLY A 93 1.88 -12.62 -1.60
CA GLY A 93 3.04 -13.46 -1.16
C GLY A 93 4.27 -13.18 -1.92
N HIS A 94 4.52 -12.10 -2.64
CA HIS A 94 5.78 -11.89 -3.31
C HIS A 94 6.91 -11.87 -2.32
N SER A 95 8.06 -12.39 -2.66
CA SER A 95 9.24 -12.48 -1.84
C SER A 95 9.52 -11.17 -1.16
N GLU A 96 9.19 -9.99 -1.86
CA GLU A 96 9.59 -8.71 -1.24
C GLU A 96 8.68 -8.35 -0.09
N ARG A 97 7.48 -8.98 -0.04
CA ARG A 97 6.58 -8.74 1.09
C ARG A 97 6.95 -9.68 2.31
N ARG A 98 7.36 -10.81 1.83
CA ARG A 98 7.73 -11.97 2.73
C ARG A 98 8.99 -11.51 3.48
N SER A 99 9.93 -10.95 2.82
CA SER A 99 11.12 -10.52 3.52
C SER A 99 11.01 -9.15 4.15
N TYR A 100 10.99 -8.12 3.39
CA TYR A 100 10.88 -6.79 3.95
C TYR A 100 9.67 -6.50 4.84
N PHE A 101 8.49 -7.03 4.49
CA PHE A 101 7.27 -6.70 5.26
C PHE A 101 6.76 -7.83 6.10
N HIS A 102 7.56 -8.85 6.30
CA HIS A 102 7.39 -10.06 6.99
C HIS A 102 5.95 -10.54 7.28
N GLU A 103 5.41 -10.88 6.13
CA GLU A 103 4.16 -11.48 5.87
C GLU A 103 4.44 -13.01 6.05
N ASP A 104 3.67 -13.70 6.86
CA ASP A 104 3.93 -15.10 7.06
C ASP A 104 2.92 -15.88 6.18
N ASP A 105 3.14 -17.17 6.18
CA ASP A 105 2.37 -18.04 5.32
C ASP A 105 0.86 -18.04 5.63
N LYS A 106 0.47 -17.85 6.81
CA LYS A 106 -0.93 -17.80 7.19
C LYS A 106 -1.59 -16.46 6.75
N PHE A 107 -0.75 -15.45 6.76
CA PHE A 107 -1.13 -14.07 6.36
C PHE A 107 -1.57 -14.24 4.93
N ILE A 108 -0.73 -14.75 4.10
CA ILE A 108 -0.96 -14.90 2.66
C ILE A 108 -2.08 -15.80 2.32
N ALA A 109 -2.22 -16.73 3.23
CA ALA A 109 -3.25 -17.83 3.11
C ALA A 109 -4.57 -17.10 3.24
N ASP A 110 -4.63 -16.42 4.43
CA ASP A 110 -5.84 -15.59 4.71
C ASP A 110 -6.05 -14.58 3.59
N LYS A 111 -5.01 -13.87 3.13
CA LYS A 111 -5.18 -12.92 2.09
C LYS A 111 -5.69 -13.67 0.84
N THR A 112 -5.10 -14.75 0.42
CA THR A 112 -5.65 -15.45 -0.71
C THR A 112 -7.10 -15.89 -0.72
N LYS A 113 -7.58 -16.34 0.41
CA LYS A 113 -8.90 -16.85 0.65
C LYS A 113 -9.90 -15.72 0.30
N PHE A 114 -9.65 -14.63 0.99
CA PHE A 114 -10.41 -13.47 1.02
C PHE A 114 -10.56 -12.86 -0.35
N ALA A 115 -9.49 -12.70 -1.09
CA ALA A 115 -9.49 -12.19 -2.44
C ALA A 115 -10.22 -13.13 -3.41
N LEU A 116 -9.96 -14.40 -3.38
CA LEU A 116 -10.61 -15.30 -4.30
C LEU A 116 -12.05 -15.30 -4.00
N GLY A 117 -12.33 -14.94 -2.74
CA GLY A 117 -13.69 -14.81 -2.26
C GLY A 117 -14.49 -13.69 -2.81
N GLN A 118 -13.85 -12.65 -3.11
CA GLN A 118 -14.36 -11.37 -3.64
C GLN A 118 -14.29 -11.35 -5.18
N GLY A 119 -13.88 -12.45 -5.79
CA GLY A 119 -13.89 -12.49 -7.26
C GLY A 119 -12.68 -11.92 -7.94
N VAL A 120 -11.56 -11.75 -7.24
CA VAL A 120 -10.36 -11.22 -7.98
C VAL A 120 -9.40 -12.39 -8.19
N GLY A 121 -8.66 -12.52 -9.17
CA GLY A 121 -7.71 -13.57 -9.37
C GLY A 121 -6.48 -13.33 -8.42
N VAL A 122 -5.76 -14.42 -8.16
CA VAL A 122 -4.64 -14.28 -7.35
C VAL A 122 -3.37 -14.92 -8.05
N ILE A 123 -2.32 -14.11 -8.00
CA ILE A 123 -1.06 -14.58 -8.45
C ILE A 123 -0.30 -14.69 -7.10
N LEU A 124 -0.08 -16.02 -6.79
CA LEU A 124 0.54 -16.41 -5.49
C LEU A 124 1.99 -16.78 -5.63
N CYS A 125 2.81 -16.10 -4.88
CA CYS A 125 4.25 -16.21 -4.99
C CYS A 125 4.78 -17.16 -3.80
N ILE A 126 5.64 -18.12 -4.24
CA ILE A 126 6.32 -19.09 -3.44
C ILE A 126 7.71 -19.12 -3.93
N GLY A 127 8.67 -19.61 -3.17
CA GLY A 127 10.12 -19.81 -3.60
C GLY A 127 11.02 -19.77 -2.38
N GLU A 128 12.22 -20.40 -2.52
CA GLU A 128 13.08 -20.37 -1.32
C GLU A 128 14.27 -19.50 -1.36
N THR A 129 14.90 -19.29 -0.24
CA THR A 129 16.10 -18.53 -0.10
C THR A 129 17.29 -19.28 -0.43
N LEU A 130 18.46 -18.55 -0.33
CA LEU A 130 19.77 -19.20 -0.70
C LEU A 130 20.15 -20.18 0.46
N GLU A 131 20.01 -19.75 1.64
CA GLU A 131 20.29 -20.47 2.84
C GLU A 131 19.50 -21.79 2.71
N GLU A 132 18.21 -21.57 2.44
CA GLU A 132 17.26 -22.68 2.30
C GLU A 132 17.61 -23.56 1.13
N LYS A 133 18.08 -23.07 0.07
CA LYS A 133 18.46 -23.85 -1.12
C LYS A 133 19.71 -24.69 -0.88
N LYS A 134 20.66 -24.13 -0.12
CA LYS A 134 21.93 -24.70 0.15
C LYS A 134 21.85 -25.94 1.13
N ALA A 135 20.73 -26.00 1.85
CA ALA A 135 20.48 -27.07 2.75
C ALA A 135 19.53 -28.07 2.06
N GLY A 136 19.31 -27.86 0.80
CA GLY A 136 18.41 -28.62 -0.07
C GLY A 136 17.03 -28.77 0.55
N LYS A 137 16.55 -27.70 1.11
CA LYS A 137 15.27 -27.58 1.74
C LYS A 137 14.25 -26.82 0.84
N THR A 138 14.47 -26.79 -0.36
CA THR A 138 13.62 -26.25 -1.43
C THR A 138 12.25 -26.87 -1.52
N LEU A 139 12.05 -28.16 -1.66
CA LEU A 139 10.72 -28.77 -1.73
C LEU A 139 9.99 -28.62 -0.40
N ASP A 140 10.77 -28.68 0.69
CA ASP A 140 10.24 -28.52 2.02
C ASP A 140 9.47 -27.15 2.00
N VAL A 141 10.22 -26.06 1.78
CA VAL A 141 9.60 -24.73 2.04
C VAL A 141 8.35 -24.51 1.24
N VAL A 142 8.59 -24.77 -0.04
CA VAL A 142 7.56 -24.57 -1.07
C VAL A 142 6.32 -25.29 -0.80
N GLU A 143 6.47 -26.57 -0.23
CA GLU A 143 5.19 -27.34 0.13
C GLU A 143 4.75 -26.76 1.39
N ARG A 144 5.58 -26.33 2.31
CA ARG A 144 5.13 -25.67 3.50
C ARG A 144 4.35 -24.38 3.18
N GLN A 145 4.93 -23.62 2.14
CA GLN A 145 4.24 -22.39 1.72
C GLN A 145 2.93 -22.66 1.09
N LEU A 146 2.86 -23.61 0.22
CA LEU A 146 1.64 -24.01 -0.45
C LEU A 146 0.63 -24.64 0.48
N ASN A 147 1.14 -25.39 1.43
CA ASN A 147 0.26 -26.09 2.41
C ASN A 147 -0.57 -25.15 3.16
N ALA A 148 -0.04 -23.99 3.61
CA ALA A 148 -0.83 -23.03 4.39
C ALA A 148 -1.98 -22.54 3.62
N VAL A 149 -1.89 -22.35 2.30
CA VAL A 149 -3.12 -21.83 1.62
C VAL A 149 -4.07 -22.94 1.29
N LEU A 150 -3.51 -24.08 0.95
CA LEU A 150 -4.30 -25.36 0.71
C LEU A 150 -5.21 -25.60 1.85
N GLU A 151 -4.84 -25.26 3.02
CA GLU A 151 -5.64 -25.39 4.29
C GLU A 151 -6.95 -24.59 4.19
N GLU A 152 -6.75 -23.36 3.52
CA GLU A 152 -7.97 -22.42 3.44
C GLU A 152 -8.63 -22.40 2.12
N VAL A 153 -7.85 -22.81 1.09
CA VAL A 153 -8.40 -22.69 -0.26
C VAL A 153 -8.54 -24.00 -0.97
N LYS A 154 -9.76 -24.35 -1.20
CA LYS A 154 -10.16 -25.63 -1.82
C LYS A 154 -10.29 -25.57 -3.29
N ASP A 155 -10.52 -24.33 -3.90
CA ASP A 155 -10.73 -24.26 -5.36
C ASP A 155 -9.60 -23.81 -6.22
N TRP A 156 -8.87 -22.82 -6.22
CA TRP A 156 -7.68 -22.70 -7.20
C TRP A 156 -8.04 -22.66 -8.70
N THR A 157 -9.34 -22.44 -9.14
CA THR A 157 -9.43 -22.37 -10.59
C THR A 157 -8.97 -20.91 -10.96
N ASN A 158 -8.97 -20.04 -10.01
CA ASN A 158 -8.51 -18.67 -10.32
C ASN A 158 -7.20 -18.23 -9.61
N VAL A 159 -6.26 -19.17 -9.51
CA VAL A 159 -4.99 -18.88 -8.83
C VAL A 159 -3.97 -19.18 -9.90
N VAL A 160 -2.89 -18.40 -9.89
CA VAL A 160 -1.79 -18.76 -10.84
C VAL A 160 -0.69 -18.87 -9.71
N VAL A 161 0.21 -19.75 -9.87
CA VAL A 161 1.23 -19.75 -8.88
C VAL A 161 2.56 -19.46 -9.64
N ALA A 162 3.31 -18.62 -8.98
CA ALA A 162 4.64 -18.21 -9.54
C ALA A 162 5.71 -18.63 -8.51
N TYR A 163 6.64 -19.31 -9.05
CA TYR A 163 7.86 -19.68 -8.29
C TYR A 163 8.97 -18.67 -8.49
N GLU A 164 9.46 -18.16 -7.41
CA GLU A 164 10.58 -17.23 -7.37
C GLU A 164 11.86 -17.82 -6.79
N PRO A 165 12.83 -18.06 -7.56
CA PRO A 165 14.18 -18.55 -7.17
C PRO A 165 14.82 -17.40 -6.41
N VAL A 166 14.56 -17.29 -5.16
CA VAL A 166 15.16 -16.12 -4.37
C VAL A 166 16.68 -16.27 -4.20
N TRP A 167 17.13 -17.55 -4.37
CA TRP A 167 18.55 -17.84 -4.21
C TRP A 167 19.33 -17.37 -5.34
N ALA A 168 18.61 -17.07 -6.41
CA ALA A 168 19.28 -16.69 -7.68
C ALA A 168 19.31 -15.14 -7.86
N ILE A 169 18.77 -14.48 -6.84
CA ILE A 169 18.78 -12.99 -6.92
C ILE A 169 19.75 -12.24 -6.08
N GLY A 170 20.80 -11.74 -6.66
CA GLY A 170 21.89 -11.02 -6.05
C GLY A 170 22.88 -11.89 -5.30
N THR A 171 22.94 -13.14 -5.58
CA THR A 171 23.70 -14.13 -4.98
C THR A 171 24.89 -14.60 -5.78
N GLY A 172 24.71 -14.42 -7.08
CA GLY A 172 25.73 -14.76 -8.03
C GLY A 172 25.53 -16.20 -8.55
N LEU A 173 24.32 -16.69 -8.29
CA LEU A 173 23.99 -18.01 -8.81
C LEU A 173 22.96 -17.73 -9.89
N ALA A 174 22.76 -18.50 -10.82
CA ALA A 174 21.85 -18.37 -11.97
C ALA A 174 20.95 -19.66 -12.03
N ALA A 175 19.70 -19.35 -12.33
CA ALA A 175 18.74 -20.44 -12.47
C ALA A 175 18.71 -20.76 -13.99
N THR A 176 18.66 -22.12 -14.22
CA THR A 176 18.51 -22.40 -15.68
C THR A 176 17.10 -22.83 -15.85
N PRO A 177 16.63 -22.96 -17.06
CA PRO A 177 15.33 -23.39 -17.40
C PRO A 177 15.17 -24.85 -16.90
N GLU A 178 16.30 -25.55 -16.79
CA GLU A 178 16.34 -26.93 -16.37
C GLU A 178 16.00 -26.92 -14.92
N ASP A 179 16.50 -26.01 -14.16
CA ASP A 179 16.23 -25.76 -12.72
C ASP A 179 14.74 -25.51 -12.55
N ALA A 180 14.18 -24.68 -13.41
CA ALA A 180 12.81 -24.29 -13.41
C ALA A 180 11.86 -25.44 -13.79
N GLN A 181 12.27 -26.12 -14.83
CA GLN A 181 11.48 -27.33 -15.32
C GLN A 181 11.26 -28.26 -14.20
N ASP A 182 12.38 -28.60 -13.57
CA ASP A 182 12.43 -29.48 -12.41
C ASP A 182 11.52 -29.11 -11.27
N ILE A 183 11.66 -27.92 -10.77
CA ILE A 183 10.94 -27.43 -9.63
C ILE A 183 9.50 -27.29 -9.81
N HIS A 184 9.05 -27.06 -11.02
CA HIS A 184 7.64 -26.79 -11.36
C HIS A 184 6.94 -28.19 -11.45
N ALA A 185 7.64 -29.06 -12.09
CA ALA A 185 7.12 -30.42 -12.29
C ALA A 185 6.75 -31.08 -10.95
N SER A 186 7.64 -30.96 -9.97
CA SER A 186 7.74 -31.26 -8.66
C SER A 186 6.59 -30.64 -7.83
N ILE A 187 6.52 -29.36 -8.04
CA ILE A 187 5.47 -28.53 -7.43
C ILE A 187 4.13 -29.06 -7.93
N ARG A 188 4.10 -29.33 -9.19
CA ARG A 188 2.84 -29.83 -9.82
C ARG A 188 2.37 -31.14 -9.08
N LYS A 189 3.24 -32.05 -9.08
CA LYS A 189 3.04 -33.40 -8.43
C LYS A 189 2.54 -33.18 -7.00
N PHE A 190 3.23 -32.23 -6.36
CA PHE A 190 2.80 -32.01 -4.96
C PHE A 190 1.34 -31.66 -5.01
N LEU A 191 0.97 -30.58 -5.66
CA LEU A 191 -0.41 -30.14 -5.79
C LEU A 191 -1.33 -31.16 -6.32
N ALA A 192 -0.94 -32.05 -7.16
CA ALA A 192 -1.77 -33.20 -7.72
C ALA A 192 -2.30 -34.07 -6.66
N SER A 193 -1.62 -34.22 -5.55
CA SER A 193 -1.88 -35.04 -4.45
C SER A 193 -2.84 -34.45 -3.50
N LYS A 194 -2.83 -33.17 -3.36
CA LYS A 194 -3.72 -32.37 -2.47
C LYS A 194 -5.02 -31.96 -3.16
N LEU A 195 -4.94 -31.74 -4.41
CA LEU A 195 -6.05 -31.28 -5.22
C LEU A 195 -6.51 -32.26 -6.27
N GLY A 196 -5.76 -33.23 -6.71
CA GLY A 196 -6.23 -34.13 -7.82
C GLY A 196 -5.48 -33.71 -9.03
N ASP A 197 -5.13 -34.63 -9.88
CA ASP A 197 -4.37 -34.42 -11.06
C ASP A 197 -5.12 -33.54 -12.15
N LYS A 198 -6.45 -33.58 -12.10
CA LYS A 198 -7.20 -32.74 -13.07
C LYS A 198 -6.96 -31.28 -12.72
N ALA A 199 -7.25 -30.84 -11.50
CA ALA A 199 -7.04 -29.45 -11.05
C ALA A 199 -5.59 -29.09 -11.17
N ALA A 200 -4.72 -29.98 -10.81
CA ALA A 200 -3.27 -29.63 -10.92
C ALA A 200 -2.94 -29.54 -12.42
N SER A 201 -3.61 -30.19 -13.32
CA SER A 201 -3.11 -30.16 -14.72
C SER A 201 -3.50 -28.83 -15.36
N GLU A 202 -4.50 -28.20 -14.86
CA GLU A 202 -4.92 -26.92 -15.41
C GLU A 202 -4.36 -25.69 -14.71
N LEU A 203 -3.64 -25.86 -13.62
CA LEU A 203 -3.11 -24.74 -12.88
C LEU A 203 -1.83 -24.26 -13.52
N ARG A 204 -1.70 -22.92 -13.66
CA ARG A 204 -0.50 -22.32 -14.28
C ARG A 204 0.54 -22.03 -13.26
N ILE A 205 1.69 -22.52 -13.53
CA ILE A 205 2.88 -22.26 -12.72
C ILE A 205 3.96 -21.46 -13.57
N LEU A 206 4.01 -20.22 -13.17
CA LEU A 206 4.77 -19.19 -13.63
C LEU A 206 6.21 -19.16 -13.19
N TYR A 207 7.15 -18.85 -14.05
CA TYR A 207 8.52 -18.82 -13.60
C TYR A 207 8.76 -17.37 -13.24
N GLY A 208 9.21 -17.12 -12.02
CA GLY A 208 9.46 -15.87 -11.43
C GLY A 208 10.79 -15.31 -11.24
N GLY A 209 11.82 -15.81 -11.90
CA GLY A 209 13.19 -15.27 -11.75
C GLY A 209 13.52 -14.24 -12.72
N SER A 210 14.79 -14.02 -13.03
CA SER A 210 15.15 -12.94 -14.10
C SER A 210 14.78 -13.53 -15.48
N ALA A 211 13.68 -13.36 -16.00
CA ALA A 211 13.15 -13.70 -17.33
C ALA A 211 13.19 -12.42 -18.09
N ASN A 212 13.60 -12.38 -19.29
CA ASN A 212 13.73 -11.10 -20.06
C ASN A 212 13.61 -11.41 -21.57
N GLY A 213 13.87 -10.38 -22.34
CA GLY A 213 13.82 -10.52 -23.78
C GLY A 213 14.65 -11.67 -24.31
N SER A 214 15.90 -11.61 -23.98
CA SER A 214 16.91 -12.58 -24.45
C SER A 214 16.64 -13.98 -24.02
N ASN A 215 16.16 -14.31 -22.89
CA ASN A 215 15.85 -15.56 -22.23
C ASN A 215 14.73 -16.37 -22.63
N ALA A 216 13.64 -15.53 -22.53
CA ALA A 216 12.26 -16.07 -22.68
C ALA A 216 12.20 -17.19 -23.63
N VAL A 217 12.82 -17.31 -24.73
CA VAL A 217 12.64 -18.48 -25.57
C VAL A 217 13.25 -19.75 -25.03
N THR A 218 14.30 -19.55 -24.31
CA THR A 218 15.10 -20.61 -23.64
C THR A 218 14.15 -21.60 -22.92
N PHE A 219 13.03 -20.98 -22.43
CA PHE A 219 12.02 -21.74 -21.71
C PHE A 219 10.76 -22.12 -22.51
N LYS A 220 10.87 -22.06 -23.85
CA LYS A 220 9.68 -22.41 -24.60
C LYS A 220 9.32 -23.85 -24.59
N ASP A 221 10.26 -24.72 -24.36
CA ASP A 221 9.99 -26.21 -24.44
C ASP A 221 9.92 -26.85 -23.09
N LYS A 222 9.81 -26.15 -22.04
CA LYS A 222 9.74 -26.74 -20.63
C LYS A 222 8.23 -26.78 -20.39
N ALA A 223 7.68 -28.07 -20.31
CA ALA A 223 6.30 -28.35 -20.25
C ALA A 223 5.54 -27.92 -19.02
N ASP A 224 6.28 -27.62 -17.94
CA ASP A 224 5.68 -27.15 -16.66
C ASP A 224 5.96 -25.73 -16.35
N VAL A 225 6.44 -24.96 -17.37
CA VAL A 225 6.64 -23.49 -17.16
C VAL A 225 5.52 -23.00 -18.09
N ASP A 226 4.49 -22.50 -17.44
CA ASP A 226 3.26 -22.00 -18.01
C ASP A 226 3.29 -20.50 -18.26
N GLY A 227 4.39 -19.91 -17.84
CA GLY A 227 4.50 -18.41 -18.10
C GLY A 227 5.49 -17.83 -17.14
N PHE A 228 5.31 -16.55 -17.00
CA PHE A 228 6.31 -15.74 -16.24
C PHE A 228 5.72 -14.65 -15.46
N LEU A 229 6.46 -14.34 -14.37
CA LEU A 229 6.05 -13.19 -13.52
C LEU A 229 7.40 -12.37 -13.65
N VAL A 230 7.37 -11.34 -14.59
CA VAL A 230 8.53 -10.54 -14.92
C VAL A 230 8.60 -9.33 -14.02
N GLY A 231 9.77 -8.84 -13.74
CA GLY A 231 10.11 -7.76 -12.88
C GLY A 231 10.47 -6.58 -13.82
N GLY A 232 11.72 -6.14 -13.81
CA GLY A 232 12.31 -5.06 -14.55
C GLY A 232 11.96 -5.03 -16.05
N ALA A 233 12.01 -6.09 -16.74
CA ALA A 233 11.73 -6.13 -18.18
C ALA A 233 10.30 -5.72 -18.51
N SER A 234 9.45 -5.60 -17.56
CA SER A 234 8.00 -5.29 -17.85
C SER A 234 7.73 -3.81 -18.10
N LEU A 235 8.70 -3.12 -17.69
CA LEU A 235 8.74 -1.64 -17.82
C LEU A 235 9.53 -1.26 -19.07
N LYS A 236 9.84 -2.19 -19.96
CA LYS A 236 10.60 -1.99 -21.12
C LYS A 236 9.84 -2.60 -22.31
N PRO A 237 10.32 -2.27 -23.44
CA PRO A 237 9.80 -2.82 -24.73
C PRO A 237 10.11 -4.25 -24.94
N GLU A 238 11.18 -4.83 -24.47
CA GLU A 238 11.41 -6.25 -24.48
C GLU A 238 10.26 -7.09 -23.86
N PHE A 239 9.38 -6.47 -23.05
CA PHE A 239 8.24 -7.01 -22.51
C PHE A 239 7.39 -7.75 -23.53
N VAL A 240 7.24 -7.21 -24.67
CA VAL A 240 6.44 -7.68 -25.80
C VAL A 240 7.20 -8.86 -26.38
N ASP A 241 8.51 -8.94 -26.26
CA ASP A 241 9.24 -10.09 -26.80
C ASP A 241 8.96 -11.40 -26.07
N ILE A 242 8.76 -11.17 -24.83
CA ILE A 242 8.44 -12.19 -23.85
C ILE A 242 7.08 -12.82 -24.13
N ILE A 243 6.20 -11.79 -24.31
CA ILE A 243 4.78 -12.19 -24.60
C ILE A 243 4.78 -13.04 -25.84
N ASN A 244 5.73 -12.82 -26.83
CA ASN A 244 5.77 -13.64 -28.05
C ASN A 244 6.84 -14.75 -28.01
N SER A 245 7.40 -15.04 -26.90
CA SER A 245 8.46 -16.06 -26.92
C SER A 245 8.07 -17.46 -27.36
N ARG A 246 6.80 -17.69 -27.42
CA ARG A 246 6.33 -19.09 -27.85
C ARG A 246 6.20 -19.02 -29.32
N ASN A 247 5.37 -18.11 -29.86
CA ASN A 247 5.22 -17.75 -31.24
C ASN A 247 4.27 -16.51 -31.26
N ALA B 1 1.28 32.74 12.95
CA ALA B 1 0.81 31.42 12.46
C ALA B 1 -0.31 30.73 13.30
N ARG B 2 -0.37 29.47 13.01
CA ARG B 2 -1.15 28.37 13.40
C ARG B 2 -2.52 28.46 12.76
N THR B 3 -2.44 28.16 11.44
CA THR B 3 -3.69 28.13 10.63
C THR B 3 -4.27 26.70 10.85
N PHE B 4 -5.51 26.67 11.27
CA PHE B 4 -6.29 25.48 11.52
C PHE B 4 -6.18 24.49 10.39
N PHE B 5 -5.95 23.28 10.70
CA PHE B 5 -5.79 22.22 9.66
C PHE B 5 -6.73 21.05 9.94
N VAL B 6 -7.41 20.48 8.98
CA VAL B 6 -8.29 19.42 9.26
C VAL B 6 -8.00 18.34 8.16
N GLY B 7 -7.48 17.24 8.61
CA GLY B 7 -7.11 16.15 7.67
C GLY B 7 -8.22 15.15 7.88
N GLY B 8 -8.70 14.55 6.86
CA GLY B 8 -9.69 13.48 6.95
C GLY B 8 -8.93 12.25 6.30
N ASN B 9 -8.72 11.31 7.18
CA ASN B 9 -8.07 10.04 6.82
C ASN B 9 -9.23 9.04 6.52
N PHE B 10 -9.44 8.61 5.36
CA PHE B 10 -10.56 7.72 5.02
C PHE B 10 -10.21 6.23 5.44
N LYS B 11 -9.03 5.92 5.76
CA LYS B 11 -8.71 4.55 6.17
C LYS B 11 -9.11 3.68 4.92
N LEU B 12 -9.31 2.43 5.04
CA LEU B 12 -9.67 1.63 3.89
C LEU B 12 -11.11 1.70 3.58
N ASN B 13 -11.56 2.74 2.86
CA ASN B 13 -12.97 2.94 2.59
C ASN B 13 -13.07 3.97 1.29
N GLY B 14 -14.15 3.81 0.62
CA GLY B 14 -14.48 4.68 -0.53
C GLY B 14 -14.52 3.94 -1.78
N SER B 15 -15.22 4.47 -2.70
CA SER B 15 -15.36 3.98 -4.11
C SER B 15 -15.24 5.17 -5.01
N LYS B 16 -15.28 5.03 -6.26
CA LYS B 16 -15.19 6.20 -7.18
C LYS B 16 -16.37 7.13 -6.94
N GLN B 17 -17.54 6.56 -6.98
CA GLN B 17 -18.81 7.19 -6.65
C GLN B 17 -18.76 7.92 -5.38
N SER B 18 -18.41 7.28 -4.26
CA SER B 18 -18.48 8.00 -3.01
C SER B 18 -17.40 9.00 -2.87
N ILE B 19 -16.24 8.78 -3.46
CA ILE B 19 -15.21 9.93 -3.27
C ILE B 19 -15.66 11.14 -4.09
N LYS B 20 -16.44 10.94 -5.18
CA LYS B 20 -16.97 12.02 -6.00
C LYS B 20 -17.94 12.82 -5.10
N GLU B 21 -18.87 12.21 -4.51
CA GLU B 21 -19.79 12.97 -3.65
C GLU B 21 -19.08 13.65 -2.54
N ILE B 22 -18.01 13.13 -2.01
CA ILE B 22 -17.45 13.94 -0.86
C ILE B 22 -16.71 15.18 -1.38
N VAL B 23 -16.09 15.06 -2.47
CA VAL B 23 -15.35 16.21 -3.12
C VAL B 23 -16.30 17.28 -3.59
N GLU B 24 -17.29 16.81 -4.35
CA GLU B 24 -18.32 17.76 -4.81
C GLU B 24 -18.85 18.59 -3.72
N ARG B 25 -19.16 17.92 -2.57
CA ARG B 25 -19.72 18.58 -1.38
C ARG B 25 -18.65 19.62 -0.99
N LEU B 26 -17.44 19.27 -1.08
CA LEU B 26 -16.31 20.13 -0.62
C LEU B 26 -16.19 21.31 -1.51
N ASN B 27 -16.30 21.13 -2.82
CA ASN B 27 -16.29 22.10 -3.87
C ASN B 27 -17.35 23.16 -3.60
N THR B 28 -18.53 22.77 -3.39
CA THR B 28 -19.66 23.68 -3.18
C THR B 28 -19.71 24.16 -1.76
N ALA B 29 -19.22 23.66 -0.79
CA ALA B 29 -19.31 24.12 0.61
C ALA B 29 -18.68 25.50 0.83
N SER B 30 -19.33 26.19 1.73
CA SER B 30 -18.85 27.54 2.10
C SER B 30 -18.06 27.36 3.35
N ILE B 31 -16.87 27.03 3.29
CA ILE B 31 -15.93 26.88 4.40
C ILE B 31 -14.90 27.98 4.34
N PRO B 32 -14.33 28.41 5.45
CA PRO B 32 -13.46 29.52 5.61
C PRO B 32 -12.22 29.59 4.71
N GLU B 33 -11.63 30.69 4.89
CA GLU B 33 -10.45 31.14 4.06
C GLU B 33 -9.11 30.66 4.46
N ASN B 34 -8.68 30.82 5.71
CA ASN B 34 -7.37 30.23 6.13
C ASN B 34 -7.84 29.10 7.13
N VAL B 35 -7.75 28.00 6.40
CA VAL B 35 -8.14 26.68 6.95
C VAL B 35 -7.37 25.83 5.97
N GLU B 36 -6.73 24.83 6.39
CA GLU B 36 -5.99 23.89 5.45
C GLU B 36 -6.77 22.57 5.51
N VAL B 37 -7.18 22.04 4.42
CA VAL B 37 -7.92 20.75 4.50
C VAL B 37 -7.22 19.83 3.62
N VAL B 38 -6.95 18.56 4.19
CA VAL B 38 -6.33 17.53 3.30
C VAL B 38 -7.22 16.28 3.48
N ILE B 39 -7.56 15.70 2.31
CA ILE B 39 -8.38 14.49 2.35
C ILE B 39 -7.40 13.44 2.11
N CYS B 40 -7.56 12.30 2.74
CA CYS B 40 -6.61 11.18 2.59
C CYS B 40 -7.33 9.89 2.15
N PRO B 41 -7.52 9.76 0.92
CA PRO B 41 -8.05 8.59 0.30
C PRO B 41 -7.09 7.39 0.20
N PRO B 42 -7.61 6.26 -0.17
CA PRO B 42 -6.85 5.05 -0.46
C PRO B 42 -5.99 5.35 -1.66
N ALA B 43 -4.80 4.90 -1.73
CA ALA B 43 -3.93 5.13 -2.88
C ALA B 43 -4.55 5.00 -4.25
N THR B 44 -5.43 3.97 -4.27
CA THR B 44 -6.20 3.69 -5.50
C THR B 44 -6.93 4.95 -6.05
N TYR B 45 -7.25 5.89 -5.17
CA TYR B 45 -8.09 7.00 -5.56
C TYR B 45 -7.46 8.42 -5.46
N LEU B 46 -6.18 8.44 -5.36
CA LEU B 46 -5.51 9.80 -5.17
C LEU B 46 -5.61 10.57 -6.49
N ASP B 47 -5.23 9.95 -7.61
CA ASP B 47 -5.23 10.64 -8.88
C ASP B 47 -6.59 11.34 -9.14
N TYR B 48 -7.59 10.43 -9.16
CA TYR B 48 -8.97 10.73 -9.30
C TYR B 48 -9.45 11.81 -8.38
N SER B 49 -9.24 11.65 -7.04
CA SER B 49 -9.63 12.64 -6.08
C SER B 49 -9.01 14.08 -6.47
N VAL B 50 -7.77 14.15 -6.81
CA VAL B 50 -7.02 15.41 -7.15
C VAL B 50 -7.73 16.01 -8.30
N SER B 51 -8.08 15.13 -9.21
CA SER B 51 -8.77 15.58 -10.43
C SER B 51 -10.05 16.33 -10.09
N LEU B 52 -10.79 15.91 -9.06
CA LEU B 52 -11.99 16.59 -8.68
C LEU B 52 -11.89 17.80 -7.76
N VAL B 53 -10.86 18.03 -6.98
CA VAL B 53 -10.91 19.22 -6.10
C VAL B 53 -10.63 20.44 -6.96
N LYS B 54 -11.39 21.49 -6.58
CA LYS B 54 -11.38 22.80 -7.11
C LYS B 54 -11.50 23.80 -5.98
N LYS B 55 -10.64 23.78 -5.04
CA LYS B 55 -10.79 24.67 -3.89
C LYS B 55 -9.40 24.85 -3.39
N PRO B 56 -8.88 26.04 -3.45
CA PRO B 56 -7.54 26.32 -2.96
C PRO B 56 -7.26 25.72 -1.59
N GLN B 57 -8.23 25.70 -0.64
CA GLN B 57 -8.03 25.20 0.71
C GLN B 57 -7.87 23.66 0.88
N VAL B 58 -8.46 22.96 -0.10
CA VAL B 58 -8.34 21.53 0.07
C VAL B 58 -7.27 20.87 -0.82
N THR B 59 -6.41 20.07 -0.14
CA THR B 59 -5.40 19.30 -0.83
C THR B 59 -5.52 17.81 -0.56
N VAL B 60 -4.74 16.98 -1.16
CA VAL B 60 -4.77 15.48 -0.91
C VAL B 60 -3.46 14.92 -0.61
N GLY B 61 -3.59 13.86 0.31
CA GLY B 61 -2.46 13.06 0.78
C GLY B 61 -2.81 11.57 0.72
N ALA B 62 -1.75 10.71 0.78
CA ALA B 62 -1.75 9.31 0.82
C ALA B 62 -1.72 8.94 2.38
N GLN B 63 -2.00 7.78 2.64
CA GLN B 63 -2.12 7.13 3.96
C GLN B 63 -0.83 6.36 4.47
N ASN B 64 0.14 6.20 3.64
CA ASN B 64 1.41 5.64 3.93
C ASN B 64 2.27 5.54 2.66
N ALA B 65 3.54 5.58 2.76
CA ALA B 65 4.47 5.48 1.67
C ALA B 65 5.75 4.79 2.13
N TYR B 66 6.59 4.28 1.30
CA TYR B 66 7.90 3.65 1.66
C TYR B 66 8.93 4.71 1.91
N LEU B 67 10.17 4.29 2.24
CA LEU B 67 11.28 5.22 2.46
C LEU B 67 12.20 5.25 1.20
N LYS B 68 11.74 4.96 0.09
CA LYS B 68 12.43 4.96 -1.20
C LYS B 68 11.36 5.34 -2.29
N ALA B 69 11.89 6.00 -3.30
CA ALA B 69 11.01 6.52 -4.39
C ALA B 69 10.71 5.45 -5.41
N SER B 70 11.64 4.53 -5.61
CA SER B 70 11.42 3.51 -6.59
C SER B 70 12.30 2.28 -6.19
N GLY B 71 12.13 1.15 -6.95
CA GLY B 71 12.92 -0.04 -6.66
C GLY B 71 11.98 -1.21 -6.56
N ALA B 72 12.55 -2.21 -5.95
CA ALA B 72 11.92 -3.53 -5.74
C ALA B 72 11.35 -3.67 -4.33
N PHE B 73 10.19 -3.08 -4.24
CA PHE B 73 9.35 -3.03 -3.04
C PHE B 73 7.96 -3.21 -3.53
N THR B 74 7.67 -4.47 -3.95
CA THR B 74 6.24 -4.66 -4.47
C THR B 74 5.30 -4.44 -3.37
N GLY B 75 4.18 -3.76 -3.67
CA GLY B 75 3.08 -3.42 -2.90
C GLY B 75 3.05 -2.09 -2.17
N GLU B 76 4.15 -1.43 -2.17
CA GLU B 76 4.36 -0.20 -1.43
C GLU B 76 3.94 1.02 -2.22
N ASN B 77 3.88 2.16 -1.59
CA ASN B 77 3.50 3.50 -2.23
C ASN B 77 4.81 4.35 -2.14
N SER B 78 5.00 5.13 -3.10
CA SER B 78 6.15 5.99 -3.35
C SER B 78 5.80 7.48 -3.23
N VAL B 79 6.58 8.34 -2.55
CA VAL B 79 6.24 9.71 -2.43
C VAL B 79 6.29 10.48 -3.77
N ASP B 80 7.13 10.04 -4.66
CA ASP B 80 7.36 10.59 -5.97
C ASP B 80 6.17 10.29 -6.85
N GLN B 81 5.53 9.13 -6.75
CA GLN B 81 4.38 8.77 -7.54
C GLN B 81 3.15 9.46 -6.94
N ILE B 82 3.10 9.81 -5.70
CA ILE B 82 2.09 10.58 -5.02
C ILE B 82 2.09 12.06 -5.47
N LYS B 83 3.22 12.47 -5.84
CA LYS B 83 3.61 13.84 -6.32
C LYS B 83 3.21 13.91 -7.77
N ASP B 84 3.61 12.97 -8.48
CA ASP B 84 3.33 12.92 -9.94
C ASP B 84 1.84 13.10 -10.08
N VAL B 85 1.06 12.57 -9.20
CA VAL B 85 -0.41 12.46 -9.25
C VAL B 85 -1.04 13.65 -8.66
N GLY B 86 -0.23 14.41 -7.97
CA GLY B 86 -0.72 15.71 -7.40
C GLY B 86 -1.11 15.83 -5.97
N ALA B 87 -0.70 14.85 -5.15
CA ALA B 87 -1.04 14.98 -3.70
C ALA B 87 0.17 15.63 -3.02
N LYS B 88 0.04 16.16 -1.90
CA LYS B 88 0.93 17.03 -1.21
C LYS B 88 1.42 16.59 0.20
N TRP B 89 0.70 15.52 0.64
CA TRP B 89 0.86 15.00 1.95
C TRP B 89 0.82 13.45 1.95
N VAL B 90 1.40 13.02 3.05
CA VAL B 90 1.45 11.60 3.41
C VAL B 90 1.39 11.46 4.94
N ILE B 91 0.51 10.56 5.29
CA ILE B 91 0.37 10.37 6.77
C ILE B 91 1.40 9.25 6.97
N LEU B 92 2.17 9.53 8.01
CA LEU B 92 3.27 8.58 8.46
C LEU B 92 3.10 8.29 9.97
N GLY B 93 3.29 7.03 10.38
CA GLY B 93 3.13 6.65 11.76
C GLY B 93 1.82 6.41 12.41
N HIS B 94 0.78 6.19 11.64
CA HIS B 94 -0.56 5.94 12.27
C HIS B 94 -0.57 4.72 13.11
N SER B 95 -1.30 4.82 14.20
CA SER B 95 -1.43 3.73 15.23
C SER B 95 -1.79 2.38 14.50
N GLU B 96 -2.62 2.46 13.47
CA GLU B 96 -2.94 1.21 12.72
C GLU B 96 -1.75 0.66 11.97
N ARG B 97 -0.71 1.46 11.64
CA ARG B 97 0.44 0.84 11.00
C ARG B 97 1.52 0.37 11.97
N ARG B 98 1.61 1.04 13.13
CA ARG B 98 2.44 0.88 14.21
C ARG B 98 2.01 -0.46 14.91
N SER B 99 0.79 -0.80 14.88
CA SER B 99 0.24 -1.99 15.45
C SER B 99 0.21 -3.14 14.46
N TYR B 100 -0.77 -3.08 13.57
CA TYR B 100 -0.82 -4.29 12.69
C TYR B 100 0.34 -4.47 11.78
N PHE B 101 1.11 -3.52 11.37
CA PHE B 101 2.23 -3.72 10.44
C PHE B 101 3.50 -3.51 11.18
N HIS B 102 3.35 -3.26 12.44
CA HIS B 102 4.46 -2.87 13.28
C HIS B 102 5.66 -2.22 12.55
N GLU B 103 5.36 -0.92 12.38
CA GLU B 103 6.30 0.09 11.84
C GLU B 103 6.91 0.54 13.16
N ASP B 104 8.17 0.39 13.36
CA ASP B 104 8.82 0.82 14.64
C ASP B 104 9.16 2.34 14.40
N ASP B 105 9.49 2.92 15.57
CA ASP B 105 9.92 4.28 15.61
C ASP B 105 10.94 4.66 14.49
N LYS B 106 11.98 3.88 14.31
CA LYS B 106 12.97 4.21 13.29
C LYS B 106 12.54 4.17 11.88
N PHE B 107 11.65 3.22 11.61
CA PHE B 107 11.10 3.17 10.17
C PHE B 107 10.40 4.49 9.89
N ILE B 108 9.61 4.91 10.92
CA ILE B 108 8.78 6.11 10.85
C ILE B 108 9.68 7.31 10.61
N ALA B 109 10.69 7.44 11.41
CA ALA B 109 11.64 8.53 11.36
C ALA B 109 12.26 8.46 9.96
N ASP B 110 12.73 7.35 9.53
CA ASP B 110 13.28 7.20 8.19
C ASP B 110 12.27 7.70 7.09
N LYS B 111 11.09 7.26 7.06
CA LYS B 111 10.10 7.60 6.08
C LYS B 111 9.82 9.14 6.25
N THR B 112 9.72 9.68 7.41
CA THR B 112 9.53 11.20 7.57
C THR B 112 10.69 11.88 6.88
N LYS B 113 11.91 11.58 7.23
CA LYS B 113 13.03 12.28 6.57
C LYS B 113 12.90 12.43 5.04
N PHE B 114 12.73 11.22 4.50
CA PHE B 114 12.69 10.95 3.05
C PHE B 114 11.67 11.80 2.29
N ALA B 115 10.44 11.61 2.80
CA ALA B 115 9.27 12.30 2.17
C ALA B 115 9.63 13.74 2.17
N LEU B 116 10.35 14.21 3.13
CA LEU B 116 10.58 15.69 3.19
C LEU B 116 11.60 15.99 2.13
N GLY B 117 12.54 15.11 2.00
CA GLY B 117 13.57 15.20 0.98
C GLY B 117 12.77 15.63 -0.25
N GLN B 118 11.96 14.75 -0.77
CA GLN B 118 11.14 14.75 -1.94
C GLN B 118 10.11 15.78 -2.07
N GLY B 119 9.95 16.50 -0.99
CA GLY B 119 8.97 17.60 -1.05
C GLY B 119 7.58 17.42 -0.69
N VAL B 120 7.14 16.28 -0.03
CA VAL B 120 5.71 16.28 0.25
C VAL B 120 5.67 16.59 1.79
N GLY B 121 4.53 16.87 2.29
CA GLY B 121 4.48 17.27 3.76
C GLY B 121 4.01 16.03 4.44
N VAL B 122 4.30 15.99 5.77
CA VAL B 122 3.89 14.80 6.50
C VAL B 122 3.04 15.10 7.71
N ILE B 123 2.07 14.30 7.84
CA ILE B 123 1.11 14.16 8.96
C ILE B 123 1.69 12.93 9.73
N LEU B 124 2.50 13.31 10.73
CA LEU B 124 3.21 12.40 11.62
C LEU B 124 2.39 11.99 12.85
N CYS B 125 1.95 10.83 12.95
CA CYS B 125 1.16 10.28 14.13
C CYS B 125 1.94 9.67 15.26
N ILE B 126 1.51 9.95 16.43
CA ILE B 126 2.16 9.54 17.70
C ILE B 126 1.02 9.23 18.74
N GLY B 127 1.19 8.32 19.67
CA GLY B 127 0.13 8.08 20.64
C GLY B 127 0.51 6.88 21.66
N GLU B 128 -0.03 6.91 22.81
CA GLU B 128 0.35 5.80 23.77
C GLU B 128 -0.88 4.86 23.90
N THR B 129 -0.69 3.56 24.25
CA THR B 129 -1.73 2.67 24.26
C THR B 129 -2.65 2.52 25.52
N LEU B 130 -2.47 3.06 26.65
CA LEU B 130 -3.60 2.63 27.69
C LEU B 130 -2.82 1.84 28.75
N GLU B 131 -2.26 0.86 28.13
CA GLU B 131 -1.32 0.01 28.91
C GLU B 131 -0.24 1.02 29.23
N GLU B 132 0.25 1.65 28.21
CA GLU B 132 1.28 2.71 28.45
C GLU B 132 0.73 3.83 29.27
N LYS B 133 -0.60 3.99 29.09
CA LYS B 133 -1.31 5.12 29.75
C LYS B 133 -1.44 4.67 31.22
N LYS B 134 -1.83 3.37 31.45
CA LYS B 134 -1.98 2.83 32.77
C LYS B 134 -0.75 2.98 33.58
N ALA B 135 0.40 2.67 33.02
CA ALA B 135 1.71 2.81 33.65
C ALA B 135 2.06 4.27 33.83
N GLY B 136 1.20 5.11 33.40
CA GLY B 136 1.39 6.57 33.43
C GLY B 136 2.56 7.03 32.60
N LYS B 137 2.91 6.23 31.57
CA LYS B 137 4.09 6.56 30.73
C LYS B 137 3.77 7.23 29.44
N THR B 138 2.64 8.04 29.34
CA THR B 138 2.24 8.76 28.14
C THR B 138 3.35 9.71 27.69
N LEU B 139 3.79 10.50 28.64
CA LEU B 139 4.81 11.45 28.21
C LEU B 139 6.09 10.74 27.74
N ASP B 140 6.43 9.64 28.37
CA ASP B 140 7.66 9.03 27.90
C ASP B 140 7.42 8.32 26.52
N VAL B 141 6.16 7.87 26.33
CA VAL B 141 5.92 7.12 25.06
C VAL B 141 6.01 8.12 23.89
N VAL B 142 5.29 9.19 24.11
CA VAL B 142 5.23 10.28 23.09
C VAL B 142 6.59 10.89 22.82
N GLU B 143 7.40 11.26 23.83
CA GLU B 143 8.72 11.81 23.66
C GLU B 143 9.54 10.83 22.83
N ARG B 144 9.54 9.60 23.31
CA ARG B 144 10.36 8.62 22.66
C ARG B 144 9.96 8.56 21.20
N GLN B 145 8.72 8.58 20.82
CA GLN B 145 8.32 8.56 19.42
C GLN B 145 8.76 9.73 18.64
N LEU B 146 8.66 10.90 19.32
CA LEU B 146 9.09 12.15 18.67
C LEU B 146 10.64 12.26 18.52
N ASN B 147 11.36 11.87 19.47
CA ASN B 147 12.84 11.90 19.39
C ASN B 147 13.49 11.16 18.24
N ALA B 148 12.89 10.05 17.88
CA ALA B 148 13.35 9.22 16.79
C ALA B 148 13.33 10.11 15.47
N VAL B 149 12.32 10.94 15.38
CA VAL B 149 12.19 11.83 14.23
C VAL B 149 13.09 13.00 14.48
N LEU B 150 13.34 13.53 15.60
CA LEU B 150 14.22 14.69 15.81
C LEU B 150 15.63 14.42 15.48
N GLU B 151 15.93 13.08 15.58
CA GLU B 151 17.20 12.49 15.31
C GLU B 151 17.57 12.72 13.85
N GLU B 152 16.60 12.56 13.01
CA GLU B 152 16.74 12.63 11.52
C GLU B 152 16.28 13.84 10.88
N VAL B 153 15.38 14.62 11.40
CA VAL B 153 14.93 15.87 10.65
C VAL B 153 15.03 17.02 11.62
N LYS B 154 15.62 18.14 11.12
CA LYS B 154 15.74 19.28 12.09
C LYS B 154 14.84 20.50 11.69
N ASP B 155 14.23 20.39 10.50
CA ASP B 155 13.31 21.38 9.94
C ASP B 155 11.87 20.72 9.80
N TRP B 156 11.04 21.15 10.68
CA TRP B 156 9.67 20.62 10.71
C TRP B 156 8.73 21.63 10.18
N THR B 157 9.07 22.37 9.12
CA THR B 157 8.23 23.40 8.61
C THR B 157 7.01 22.83 7.88
N ASN B 158 7.30 21.68 7.38
CA ASN B 158 6.41 20.76 6.64
C ASN B 158 5.78 19.66 7.35
N VAL B 159 5.79 19.58 8.64
CA VAL B 159 5.24 18.38 9.39
C VAL B 159 4.13 18.94 10.31
N VAL B 160 3.04 18.29 10.31
CA VAL B 160 1.94 18.76 11.28
C VAL B 160 1.94 17.51 12.24
N VAL B 161 1.83 17.53 13.51
CA VAL B 161 1.82 16.23 14.23
C VAL B 161 0.40 15.90 14.74
N ALA B 162 0.01 14.68 14.56
CA ALA B 162 -1.28 14.15 14.94
C ALA B 162 -1.19 13.38 16.26
N TYR B 163 -1.94 13.68 17.30
CA TYR B 163 -1.85 12.99 18.56
C TYR B 163 -3.04 12.03 18.66
N GLU B 164 -2.78 10.71 18.61
CA GLU B 164 -3.90 9.79 18.76
C GLU B 164 -3.85 9.17 20.12
N PRO B 165 -4.86 9.29 20.93
CA PRO B 165 -5.01 8.66 22.29
C PRO B 165 -5.45 7.25 22.00
N VAL B 166 -4.55 6.39 21.54
CA VAL B 166 -5.02 5.00 21.11
C VAL B 166 -5.79 4.33 22.28
N TRP B 167 -5.53 4.77 23.46
CA TRP B 167 -6.08 4.28 24.73
C TRP B 167 -7.61 4.66 24.87
N ALA B 168 -8.09 5.47 24.00
CA ALA B 168 -9.58 5.81 24.11
C ALA B 168 -10.28 5.02 22.99
N ILE B 169 -9.51 4.18 22.22
CA ILE B 169 -10.18 3.44 21.19
C ILE B 169 -10.36 1.95 21.47
N GLY B 170 -11.75 1.70 21.40
CA GLY B 170 -12.18 0.31 21.67
C GLY B 170 -12.36 0.27 23.19
N THR B 171 -11.40 0.54 24.05
CA THR B 171 -11.35 0.56 25.49
C THR B 171 -12.53 1.03 26.28
N GLY B 172 -13.55 1.81 25.93
CA GLY B 172 -14.61 2.18 26.91
C GLY B 172 -14.20 3.38 27.78
N LEU B 173 -13.11 3.90 27.39
CA LEU B 173 -12.43 5.06 27.98
C LEU B 173 -12.80 6.29 27.04
N ALA B 174 -12.76 7.49 27.55
CA ALA B 174 -13.05 8.68 26.71
C ALA B 174 -12.10 9.79 27.04
N ALA B 175 -11.63 10.42 25.97
CA ALA B 175 -10.68 11.55 25.99
C ALA B 175 -11.54 12.90 25.93
N THR B 176 -11.19 13.81 26.72
CA THR B 176 -11.88 15.10 26.74
C THR B 176 -10.97 16.15 25.93
N PRO B 177 -11.53 17.28 25.72
CA PRO B 177 -10.82 18.41 25.05
C PRO B 177 -9.80 18.82 26.07
N GLU B 178 -10.21 18.83 27.35
CA GLU B 178 -9.21 19.20 28.35
C GLU B 178 -8.07 18.22 28.39
N ASP B 179 -8.36 17.01 28.02
CA ASP B 179 -7.30 15.99 28.01
C ASP B 179 -6.36 16.49 26.92
N ALA B 180 -6.99 16.54 25.82
CA ALA B 180 -6.22 17.06 24.57
C ALA B 180 -5.35 18.21 24.97
N GLN B 181 -5.98 19.33 25.44
CA GLN B 181 -5.15 20.55 25.76
C GLN B 181 -3.96 20.20 26.56
N ASP B 182 -4.11 19.48 27.62
CA ASP B 182 -3.00 19.06 28.49
C ASP B 182 -1.85 18.45 27.66
N ILE B 183 -2.18 17.38 26.98
CA ILE B 183 -1.18 16.64 26.17
C ILE B 183 -0.46 17.52 25.11
N HIS B 184 -1.24 18.10 24.28
CA HIS B 184 -0.66 18.94 23.19
C HIS B 184 0.30 19.97 23.75
N ALA B 185 -0.15 20.59 24.88
CA ALA B 185 0.65 21.61 25.59
C ALA B 185 1.96 21.10 25.97
N SER B 186 1.91 19.86 26.42
CA SER B 186 3.09 19.03 26.86
C SER B 186 3.88 18.61 25.64
N ILE B 187 3.39 18.21 24.58
CA ILE B 187 4.29 17.77 23.49
C ILE B 187 4.84 19.04 22.86
N ARG B 188 4.12 20.19 23.03
CA ARG B 188 4.59 21.43 22.53
C ARG B 188 5.74 21.97 23.40
N LYS B 189 5.52 21.90 24.73
CA LYS B 189 6.59 22.35 25.67
C LYS B 189 7.83 21.54 25.41
N PHE B 190 7.74 20.37 24.92
CA PHE B 190 8.83 19.44 24.69
C PHE B 190 9.51 19.65 23.36
N LEU B 191 8.86 19.95 22.27
CA LEU B 191 9.54 20.20 21.00
C LEU B 191 10.29 21.50 20.92
N ALA B 192 9.97 22.43 21.80
CA ALA B 192 10.56 23.71 22.05
C ALA B 192 11.98 23.43 22.75
N SER B 193 12.12 22.55 23.71
CA SER B 193 13.34 22.26 24.42
C SER B 193 14.32 21.81 23.33
N LYS B 194 13.76 21.29 22.26
CA LYS B 194 14.60 20.73 21.18
C LYS B 194 14.51 21.51 19.87
N LEU B 195 13.49 22.20 19.58
CA LEU B 195 13.45 22.87 18.28
C LEU B 195 13.45 24.41 18.44
N GLY B 196 13.63 24.95 19.58
CA GLY B 196 13.59 26.43 19.83
C GLY B 196 12.09 26.78 19.93
N ASP B 197 11.70 27.72 20.83
CA ASP B 197 10.25 28.00 20.84
C ASP B 197 9.63 28.52 19.55
N LYS B 198 10.37 29.12 18.78
CA LYS B 198 9.71 29.73 17.47
C LYS B 198 9.18 28.56 16.67
N ALA B 199 10.00 27.63 16.46
CA ALA B 199 9.64 26.45 15.62
C ALA B 199 8.39 25.78 16.33
N ALA B 200 8.56 25.69 17.58
CA ALA B 200 7.48 24.97 18.37
C ALA B 200 6.24 25.77 18.25
N SER B 201 6.25 27.02 18.51
CA SER B 201 4.96 27.84 18.44
C SER B 201 4.37 27.82 17.04
N GLU B 202 5.08 27.41 16.02
CA GLU B 202 4.54 27.40 14.65
C GLU B 202 4.05 26.05 14.29
N LEU B 203 4.39 25.04 15.05
CA LEU B 203 4.03 23.62 14.75
C LEU B 203 2.57 23.35 15.00
N ARG B 204 1.86 22.81 14.09
CA ARG B 204 0.44 22.51 14.30
C ARG B 204 0.41 20.97 14.85
N ILE B 205 -0.28 20.97 15.95
CA ILE B 205 -0.55 19.70 16.76
C ILE B 205 -2.06 19.49 16.74
N LEU B 206 -2.48 18.50 16.02
CA LEU B 206 -3.81 18.02 15.77
C LEU B 206 -4.22 17.00 16.76
N TYR B 207 -5.41 16.85 17.00
CA TYR B 207 -6.05 15.84 17.85
C TYR B 207 -6.54 14.80 16.89
N GLY B 208 -6.05 13.60 17.00
CA GLY B 208 -6.35 12.49 16.10
C GLY B 208 -7.23 11.49 16.81
N GLY B 209 -7.98 12.04 17.69
CA GLY B 209 -8.98 11.25 18.53
C GLY B 209 -10.34 11.24 17.76
N SER B 210 -11.40 10.83 18.48
CA SER B 210 -12.73 10.77 17.80
C SER B 210 -13.34 12.14 17.76
N ALA B 211 -12.99 12.74 16.69
CA ALA B 211 -13.58 14.16 16.55
C ALA B 211 -14.66 14.04 15.57
N ASN B 212 -15.82 14.59 15.79
CA ASN B 212 -16.90 14.46 14.82
C ASN B 212 -17.60 15.87 14.67
N GLY B 213 -18.65 15.85 13.84
CA GLY B 213 -19.50 17.02 13.70
C GLY B 213 -20.06 17.59 14.95
N SER B 214 -20.55 16.69 15.78
CA SER B 214 -21.17 17.02 17.01
C SER B 214 -20.21 17.43 18.06
N ASN B 215 -19.03 16.90 18.23
CA ASN B 215 -18.19 17.46 19.35
C ASN B 215 -17.00 18.33 18.94
N ALA B 216 -16.90 18.51 17.61
CA ALA B 216 -15.71 19.29 17.08
C ALA B 216 -15.69 20.59 17.78
N VAL B 217 -16.95 21.01 17.97
CA VAL B 217 -17.09 22.36 18.57
C VAL B 217 -16.51 22.47 19.91
N THR B 218 -16.45 21.38 20.74
CA THR B 218 -15.86 21.49 22.09
C THR B 218 -14.36 21.75 22.16
N PHE B 219 -13.59 21.74 21.04
CA PHE B 219 -12.17 22.00 21.14
C PHE B 219 -11.82 23.45 20.76
N LYS B 220 -12.80 24.24 20.45
CA LYS B 220 -12.49 25.62 20.17
C LYS B 220 -11.92 26.19 21.47
N ASP B 221 -11.24 27.28 21.46
CA ASP B 221 -10.71 27.75 22.80
C ASP B 221 -9.69 26.77 23.37
N LYS B 222 -9.37 25.67 22.78
CA LYS B 222 -8.23 24.78 23.32
C LYS B 222 -7.06 25.37 22.50
N ALA B 223 -6.21 26.11 23.15
CA ALA B 223 -5.08 26.80 22.50
C ALA B 223 -4.03 25.97 21.89
N ASP B 224 -3.88 24.73 22.33
CA ASP B 224 -2.76 23.94 21.78
C ASP B 224 -3.22 22.88 20.77
N VAL B 225 -4.50 22.84 20.49
CA VAL B 225 -5.03 21.79 19.51
C VAL B 225 -5.29 22.71 18.24
N ASP B 226 -4.51 22.58 17.29
CA ASP B 226 -4.56 23.42 16.06
C ASP B 226 -5.38 22.78 15.01
N GLY B 227 -6.15 21.73 15.31
CA GLY B 227 -6.85 21.06 14.19
C GLY B 227 -7.17 19.68 14.47
N PHE B 228 -7.41 18.94 13.39
CA PHE B 228 -7.79 17.52 13.62
C PHE B 228 -7.44 16.55 12.52
N LEU B 229 -7.22 15.23 13.01
CA LEU B 229 -6.97 14.13 12.06
C LEU B 229 -8.29 13.37 12.29
N VAL B 230 -9.23 13.52 11.36
CA VAL B 230 -10.52 12.86 11.56
C VAL B 230 -10.53 11.52 10.80
N GLY B 231 -11.33 10.71 11.27
CA GLY B 231 -11.66 9.47 10.88
C GLY B 231 -12.94 9.22 10.08
N GLY B 232 -13.86 8.49 10.67
CA GLY B 232 -15.13 8.16 9.93
C GLY B 232 -15.94 9.41 9.57
N ALA B 233 -15.82 10.39 10.47
CA ALA B 233 -16.55 11.69 10.16
C ALA B 233 -16.21 12.20 8.78
N SER B 234 -15.06 11.85 8.34
CA SER B 234 -14.39 12.23 7.08
C SER B 234 -15.20 11.93 5.83
N LEU B 235 -15.92 10.77 5.95
CA LEU B 235 -16.61 10.36 4.70
C LEU B 235 -17.99 10.84 4.65
N LYS B 236 -18.30 11.66 5.71
CA LYS B 236 -19.68 12.14 5.84
C LYS B 236 -19.88 13.67 5.82
N PRO B 237 -21.10 14.01 5.53
CA PRO B 237 -21.56 15.40 5.52
C PRO B 237 -20.98 16.19 6.63
N GLU B 238 -20.94 15.73 7.89
CA GLU B 238 -20.44 16.59 8.95
C GLU B 238 -18.98 16.84 8.83
N PHE B 239 -18.22 16.36 7.88
CA PHE B 239 -16.72 16.71 7.91
C PHE B 239 -16.73 18.24 7.88
N VAL B 240 -17.65 18.79 7.03
CA VAL B 240 -17.89 20.16 6.78
C VAL B 240 -18.11 20.86 8.00
N ASP B 241 -18.93 20.48 8.92
CA ASP B 241 -19.13 21.28 10.11
C ASP B 241 -17.84 21.25 11.01
N ILE B 242 -17.04 20.21 10.82
CA ILE B 242 -15.79 20.12 11.63
C ILE B 242 -14.96 21.23 11.09
N ILE B 243 -14.97 21.27 9.75
CA ILE B 243 -14.22 22.30 9.09
C ILE B 243 -14.59 23.63 9.67
N ASN B 244 -15.86 23.96 9.74
CA ASN B 244 -16.38 25.29 10.17
C ASN B 244 -16.51 25.44 11.64
N SER B 245 -15.94 24.59 12.43
CA SER B 245 -16.09 24.72 13.88
C SER B 245 -15.45 25.90 14.51
N ARG B 246 -14.32 26.40 14.09
CA ARG B 246 -13.64 27.52 14.79
C ARG B 246 -14.30 28.86 14.73
N ASN B 247 -15.28 29.04 13.84
CA ASN B 247 -16.07 30.10 13.54
C ASN B 247 -16.92 30.78 14.62
#